data_7MNU
#
_entry.id   7MNU
#
_cell.length_a   92.720
_cell.length_b   92.720
_cell.length_c   196.000
_cell.angle_alpha   90.000
_cell.angle_beta   90.000
_cell.angle_gamma   120.000
#
_symmetry.space_group_name_H-M   'P 65 2 2'
#
loop_
_entity.id
_entity.type
_entity.pdbx_description
1 polymer 'GTP-binding nuclear protein Ran'
2 polymer 'E3 SUMO-protein ligase RanBP2'
3 non-polymer "GUANOSINE-5'-DIPHOSPHATE"
4 non-polymer 'MAGNESIUM ION'
5 non-polymer 'ZINC ION'
6 water water
#
loop_
_entity_poly.entity_id
_entity_poly.type
_entity_poly.pdbx_seq_one_letter_code
_entity_poly.pdbx_strand_id
1 'polypeptide(L)'
;MGSSHHHHHHSSGLVPRGSHMAAQGEPQVQFKLVLVGDGGTGKTTFVKRHLTGESEKKYVATLGVEVHPLVFHTNRGPIK
FNVWDTAGQEKFGGLRDGYYIQAQCAIIMFDVTSRVTYKNVPNWHRDLVRVCENIPIVLCGNKVDIKDRKVKAKSIVFHR
KKNLQYYDISAKSNYNFEKPFLWLARKLIGDPNLEFVAMPALAPPEVVMDPALAAQYEHDLEVAQTTALPDEDDDL
;
A
2 'polypeptide(L)' GPLGSMGFEGMFTKKEGQWDCSVCLVRNEASATKCIACQCPSK B
#
loop_
_chem_comp.id
_chem_comp.type
_chem_comp.name
_chem_comp.formula
GDP RNA linking GUANOSINE-5'-DIPHOSPHATE 'C10 H15 N5 O11 P2'
MG non-polymer 'MAGNESIUM ION' 'Mg 2'
ZN non-polymer 'ZINC ION' 'Zn 2'
#
# COMPACT_ATOMS: atom_id res chain seq x y z
N PRO A 27 -0.17 -5.27 -22.13
CA PRO A 27 0.98 -5.17 -21.23
C PRO A 27 0.58 -5.01 -19.77
N GLN A 28 1.43 -5.48 -18.85
CA GLN A 28 1.20 -5.35 -17.42
C GLN A 28 2.14 -4.30 -16.86
N VAL A 29 1.59 -3.40 -16.05
CA VAL A 29 2.38 -2.37 -15.39
C VAL A 29 2.67 -2.82 -13.97
N GLN A 30 3.75 -2.26 -13.40
CA GLN A 30 4.32 -2.72 -12.15
C GLN A 30 4.70 -1.50 -11.33
N PHE A 31 4.25 -1.44 -10.07
CA PHE A 31 4.54 -0.33 -9.19
C PHE A 31 5.02 -0.84 -7.83
N LYS A 32 6.08 -0.21 -7.31
CA LYS A 32 6.53 -0.49 -5.95
C LYS A 32 5.67 0.30 -4.97
N LEU A 33 5.07 -0.40 -4.02
CA LEU A 33 4.21 0.20 -3.00
C LEU A 33 4.83 -0.09 -1.64
N VAL A 34 5.17 0.95 -0.90
CA VAL A 34 5.71 0.79 0.44
C VAL A 34 4.57 0.87 1.45
N LEU A 35 4.46 -0.17 2.28
CA LEU A 35 3.45 -0.25 3.33
C LEU A 35 4.15 -0.01 4.66
N VAL A 36 3.86 1.13 5.29
CA VAL A 36 4.53 1.55 6.51
C VAL A 36 3.50 1.90 7.57
N GLY A 37 3.97 1.96 8.80
CA GLY A 37 3.12 2.24 9.95
C GLY A 37 3.68 1.59 11.19
N ASP A 38 3.18 2.03 12.34
CA ASP A 38 3.65 1.50 13.61
C ASP A 38 3.49 -0.02 13.66
N GLY A 39 4.38 -0.67 14.39
CA GLY A 39 4.24 -2.10 14.61
C GLY A 39 2.94 -2.41 15.32
N GLY A 40 2.32 -3.52 14.93
CA GLY A 40 1.09 -3.97 15.54
C GLY A 40 -0.18 -3.36 14.96
N THR A 41 -0.07 -2.57 13.90
CA THR A 41 -1.25 -1.95 13.31
C THR A 41 -1.98 -2.86 12.32
N GLY A 42 -1.39 -3.99 11.95
CA GLY A 42 -2.01 -4.92 11.04
C GLY A 42 -1.49 -4.92 9.62
N LYS A 43 -0.28 -4.39 9.39
CA LYS A 43 0.25 -4.32 8.04
C LYS A 43 0.40 -5.71 7.43
N THR A 44 1.02 -6.63 8.17
CA THR A 44 1.24 -7.97 7.64
C THR A 44 -0.09 -8.70 7.45
N THR A 45 -1.00 -8.60 8.42
CA THR A 45 -2.31 -9.22 8.27
C THR A 45 -3.03 -8.69 7.05
N PHE A 46 -2.89 -7.39 6.77
CA PHE A 46 -3.58 -6.78 5.63
C PHE A 46 -3.03 -7.30 4.32
N VAL A 47 -1.72 -7.23 4.12
CA VAL A 47 -1.17 -7.63 2.82
C VAL A 47 -1.39 -9.11 2.58
N LYS A 48 -1.40 -9.93 3.63
N LYS A 48 -1.41 -9.92 3.65
CA LYS A 48 -1.56 -11.37 3.46
CA LYS A 48 -1.58 -11.36 3.50
C LYS A 48 -2.97 -11.78 3.06
C LYS A 48 -2.92 -11.73 2.88
N ARG A 49 -3.93 -10.86 3.02
CA ARG A 49 -5.26 -11.22 2.55
C ARG A 49 -5.24 -11.63 1.08
N HIS A 50 -4.34 -11.04 0.29
CA HIS A 50 -4.20 -11.39 -1.12
C HIS A 50 -3.45 -12.72 -1.23
N LEU A 51 -4.18 -13.79 -1.56
CA LEU A 51 -3.61 -15.13 -1.41
C LEU A 51 -2.47 -15.38 -2.39
N THR A 52 -2.62 -14.98 -3.66
CA THR A 52 -1.56 -15.20 -4.62
C THR A 52 -0.33 -14.38 -4.27
N GLY A 53 -0.52 -13.14 -3.80
CA GLY A 53 0.62 -12.34 -3.38
C GLY A 53 1.36 -12.94 -2.22
N GLU A 54 0.66 -13.68 -1.36
CA GLU A 54 1.33 -14.36 -0.25
C GLU A 54 2.10 -15.58 -0.75
N SER A 55 1.51 -16.36 -1.66
CA SER A 55 2.18 -17.56 -2.14
C SER A 55 3.41 -17.23 -2.98
N GLU A 56 3.45 -16.03 -3.59
CA GLU A 56 4.55 -15.62 -4.44
C GLU A 56 5.40 -14.53 -3.80
N LYS A 57 5.30 -14.34 -2.48
CA LYS A 57 6.06 -13.30 -1.81
C LYS A 57 7.55 -13.60 -1.89
N LYS A 58 8.35 -12.53 -1.87
CA LYS A 58 9.80 -12.62 -1.99
C LYS A 58 10.43 -11.91 -0.78
N TYR A 59 11.31 -12.63 -0.09
CA TYR A 59 12.00 -12.07 1.06
C TYR A 59 13.32 -11.44 0.62
N VAL A 60 13.56 -10.21 1.06
CA VAL A 60 14.77 -9.46 0.73
C VAL A 60 15.62 -9.42 1.99
N ALA A 61 16.65 -10.26 2.04
CA ALA A 61 17.40 -10.45 3.28
C ALA A 61 18.14 -9.18 3.69
N THR A 62 18.74 -8.48 2.72
CA THR A 62 19.55 -7.31 3.07
C THR A 62 18.70 -6.16 3.63
N LEU A 63 17.39 -6.16 3.41
CA LEU A 63 16.53 -5.08 3.87
C LEU A 63 15.48 -5.52 4.87
N GLY A 64 15.42 -6.81 5.21
CA GLY A 64 14.41 -7.30 6.14
C GLY A 64 13.00 -6.96 5.69
N VAL A 65 12.67 -7.30 4.44
CA VAL A 65 11.38 -6.97 3.85
C VAL A 65 10.83 -8.18 3.12
N GLU A 66 9.51 -8.32 3.14
CA GLU A 66 8.79 -9.26 2.30
C GLU A 66 8.03 -8.48 1.25
N VAL A 67 8.31 -8.76 -0.02
CA VAL A 67 7.68 -8.08 -1.15
C VAL A 67 6.57 -8.99 -1.68
N HIS A 68 5.33 -8.52 -1.58
CA HIS A 68 4.17 -9.26 -2.04
C HIS A 68 3.74 -8.74 -3.40
N PRO A 69 3.88 -9.52 -4.48
CA PRO A 69 3.38 -9.04 -5.78
C PRO A 69 1.87 -9.24 -5.92
N LEU A 70 1.11 -8.16 -5.76
CA LEU A 70 -0.34 -8.19 -5.77
C LEU A 70 -0.84 -7.80 -7.16
N VAL A 71 -1.41 -8.76 -7.88
CA VAL A 71 -1.98 -8.49 -9.19
C VAL A 71 -3.45 -8.10 -9.01
N PHE A 72 -3.84 -7.03 -9.69
CA PHE A 72 -5.24 -6.62 -9.80
C PHE A 72 -5.60 -6.52 -11.27
N HIS A 73 -6.76 -7.05 -11.63
CA HIS A 73 -7.20 -7.10 -13.02
C HIS A 73 -8.19 -5.96 -13.26
N THR A 74 -7.75 -4.97 -14.04
CA THR A 74 -8.57 -3.80 -14.34
C THR A 74 -9.23 -3.96 -15.70
N ASN A 75 -10.15 -3.04 -15.99
CA ASN A 75 -10.80 -3.01 -17.29
C ASN A 75 -9.85 -2.65 -18.42
N ARG A 76 -8.62 -2.22 -18.10
CA ARG A 76 -7.61 -1.89 -19.10
C ARG A 76 -6.40 -2.83 -19.05
N GLY A 77 -6.46 -3.89 -18.25
CA GLY A 77 -5.37 -4.84 -18.15
C GLY A 77 -4.92 -5.07 -16.73
N PRO A 78 -3.97 -5.98 -16.55
CA PRO A 78 -3.50 -6.29 -15.20
C PRO A 78 -2.54 -5.24 -14.66
N ILE A 79 -2.63 -4.98 -13.36
CA ILE A 79 -1.72 -4.09 -12.66
C ILE A 79 -1.18 -4.84 -11.45
N LYS A 80 0.13 -4.73 -11.23
CA LYS A 80 0.81 -5.43 -10.14
C LYS A 80 1.38 -4.42 -9.17
N PHE A 81 0.93 -4.47 -7.92
CA PHE A 81 1.49 -3.68 -6.83
C PHE A 81 2.47 -4.57 -6.06
N ASN A 82 3.75 -4.24 -6.13
CA ASN A 82 4.77 -4.94 -5.34
C ASN A 82 4.81 -4.28 -3.97
N VAL A 83 4.13 -4.90 -3.02
CA VAL A 83 3.93 -4.31 -1.70
C VAL A 83 5.08 -4.70 -0.78
N TRP A 84 5.77 -3.70 -0.25
CA TRP A 84 6.90 -3.92 0.65
C TRP A 84 6.39 -3.90 2.09
N ASP A 85 6.47 -5.05 2.75
CA ASP A 85 6.02 -5.21 4.13
C ASP A 85 7.22 -5.56 5.00
N THR A 86 7.52 -4.70 5.98
CA THR A 86 8.68 -4.93 6.82
C THR A 86 8.50 -6.19 7.65
N ALA A 87 9.62 -6.84 7.97
CA ALA A 87 9.61 -8.04 8.79
C ALA A 87 9.73 -7.74 10.28
N GLY A 88 10.10 -6.52 10.66
CA GLY A 88 10.34 -6.16 12.02
C GLY A 88 9.30 -5.22 12.59
N GLN A 89 9.67 -4.54 13.67
CA GLN A 89 8.81 -3.60 14.39
C GLN A 89 9.39 -2.19 14.34
N GLU A 90 10.02 -1.84 13.22
CA GLU A 90 10.74 -0.57 13.14
C GLU A 90 9.80 0.60 13.39
N LYS A 91 10.33 1.61 14.10
CA LYS A 91 9.63 2.86 14.30
C LYS A 91 9.93 3.82 13.15
N PHE A 92 9.18 4.92 13.10
CA PHE A 92 9.35 5.88 12.02
C PHE A 92 10.80 6.37 11.98
N GLY A 93 11.38 6.38 10.79
CA GLY A 93 12.78 6.71 10.62
C GLY A 93 13.74 5.57 10.87
N GLY A 94 13.24 4.39 11.22
CA GLY A 94 14.06 3.24 11.53
C GLY A 94 14.18 2.21 10.44
N LEU A 95 13.60 2.43 9.28
CA LEU A 95 13.71 1.51 8.16
C LEU A 95 14.97 1.82 7.37
N ARG A 96 15.63 0.76 6.90
CA ARG A 96 16.82 0.93 6.06
C ARG A 96 16.48 1.77 4.84
N ASP A 97 17.48 2.51 4.36
CA ASP A 97 17.24 3.48 3.29
C ASP A 97 16.72 2.78 2.03
N GLY A 98 17.22 1.58 1.74
CA GLY A 98 16.74 0.85 0.57
C GLY A 98 15.25 0.59 0.58
N TYR A 99 14.60 0.69 1.73
CA TYR A 99 13.16 0.41 1.81
C TYR A 99 12.38 1.35 0.90
N TYR A 100 12.70 2.65 0.95
CA TYR A 100 11.95 3.66 0.21
C TYR A 100 12.45 3.86 -1.22
N ILE A 101 13.59 3.27 -1.58
CA ILE A 101 14.18 3.54 -2.89
C ILE A 101 13.22 3.12 -3.99
N GLN A 102 12.96 4.04 -4.92
N GLN A 102 12.95 4.05 -4.92
CA GLN A 102 12.09 3.81 -6.08
CA GLN A 102 12.09 3.81 -6.08
C GLN A 102 10.66 3.48 -5.68
C GLN A 102 10.64 3.54 -5.71
N ALA A 103 10.22 3.90 -4.50
CA ALA A 103 8.82 3.75 -4.13
C ALA A 103 7.98 4.65 -5.03
N GLN A 104 6.95 4.09 -5.64
CA GLN A 104 6.07 4.83 -6.55
C GLN A 104 4.72 5.13 -5.94
N CYS A 105 4.37 4.50 -4.82
CA CYS A 105 3.14 4.79 -4.09
C CYS A 105 3.32 4.21 -2.69
N ALA A 106 2.35 4.51 -1.81
CA ALA A 106 2.50 4.10 -0.43
C ALA A 106 1.16 3.99 0.25
N ILE A 107 1.11 3.12 1.26
CA ILE A 107 0.00 3.05 2.21
C ILE A 107 0.58 3.26 3.60
N ILE A 108 0.04 4.22 4.32
CA ILE A 108 0.38 4.45 5.72
C ILE A 108 -0.76 3.92 6.56
N MET A 109 -0.47 2.96 7.43
CA MET A 109 -1.49 2.27 8.21
C MET A 109 -1.37 2.62 9.69
N PHE A 110 -2.53 2.73 10.35
CA PHE A 110 -2.57 2.87 11.79
C PHE A 110 -3.73 2.02 12.32
N ASP A 111 -3.87 1.99 13.64
CA ASP A 111 -4.85 1.17 14.33
C ASP A 111 -5.85 2.09 15.02
N VAL A 112 -7.12 1.99 14.61
CA VAL A 112 -8.14 2.89 15.15
C VAL A 112 -8.44 2.64 16.62
N THR A 113 -7.89 1.59 17.20
CA THR A 113 -8.01 1.34 18.63
C THR A 113 -6.80 1.85 19.42
N SER A 114 -5.80 2.42 18.76
CA SER A 114 -4.58 2.90 19.40
C SER A 114 -4.29 4.30 18.87
N ARG A 115 -4.62 5.32 19.66
CA ARG A 115 -4.44 6.70 19.22
C ARG A 115 -2.99 7.01 18.91
N VAL A 116 -2.05 6.36 19.60
CA VAL A 116 -0.63 6.65 19.37
C VAL A 116 -0.21 6.28 17.96
N THR A 117 -0.80 5.22 17.40
CA THR A 117 -0.43 4.83 16.03
C THR A 117 -0.90 5.88 15.03
N TYR A 118 -2.00 6.58 15.31
CA TYR A 118 -2.43 7.66 14.44
C TYR A 118 -1.60 8.93 14.66
N LYS A 119 -1.20 9.19 15.90
CA LYS A 119 -0.32 10.33 16.17
C LYS A 119 0.97 10.24 15.37
N ASN A 120 1.43 9.03 15.07
CA ASN A 120 2.68 8.83 14.35
C ASN A 120 2.50 8.81 12.84
N VAL A 121 1.27 8.94 12.34
CA VAL A 121 1.06 8.99 10.89
C VAL A 121 1.79 10.18 10.26
N PRO A 122 1.68 11.40 10.79
CA PRO A 122 2.49 12.50 10.23
C PRO A 122 3.97 12.23 10.25
N ASN A 123 4.46 11.44 11.22
CA ASN A 123 5.88 11.13 11.27
C ASN A 123 6.28 10.19 10.13
N TRP A 124 5.50 9.14 9.92
CA TRP A 124 5.75 8.26 8.78
C TRP A 124 5.63 9.02 7.47
N HIS A 125 4.62 9.89 7.37
CA HIS A 125 4.45 10.69 6.15
C HIS A 125 5.66 11.58 5.91
N ARG A 126 6.20 12.18 6.96
CA ARG A 126 7.37 13.02 6.82
C ARG A 126 8.60 12.20 6.42
N ASP A 127 8.77 11.02 7.03
CA ASP A 127 9.89 10.16 6.67
C ASP A 127 9.78 9.67 5.23
N LEU A 128 8.56 9.44 4.75
CA LEU A 128 8.36 8.95 3.39
C LEU A 128 8.61 10.05 2.36
N VAL A 129 8.02 11.23 2.57
CA VAL A 129 8.14 12.31 1.61
C VAL A 129 9.56 12.85 1.55
N ARG A 130 10.38 12.59 2.57
CA ARG A 130 11.77 13.06 2.54
C ARG A 130 12.57 12.36 1.45
N VAL A 131 12.23 11.11 1.12
CA VAL A 131 13.00 10.32 0.19
C VAL A 131 12.29 10.19 -1.14
N CYS A 132 10.96 10.17 -1.14
CA CYS A 132 10.18 9.92 -2.33
C CYS A 132 9.48 11.16 -2.86
N GLU A 133 9.30 12.20 -2.05
CA GLU A 133 8.71 13.45 -2.49
C GLU A 133 7.23 13.25 -2.86
N ASN A 134 6.85 13.50 -4.11
N ASN A 134 6.86 13.48 -4.11
CA ASN A 134 5.45 13.47 -4.53
CA ASN A 134 5.45 13.47 -4.53
C ASN A 134 5.13 12.10 -5.12
C ASN A 134 5.13 12.10 -5.12
N ILE A 135 4.60 11.21 -4.28
CA ILE A 135 4.06 9.94 -4.73
C ILE A 135 2.65 9.86 -4.15
N PRO A 136 1.70 9.18 -4.80
CA PRO A 136 0.38 9.02 -4.20
C PRO A 136 0.45 8.18 -2.94
N ILE A 137 -0.30 8.59 -1.92
CA ILE A 137 -0.29 7.94 -0.61
C ILE A 137 -1.73 7.78 -0.13
N VAL A 138 -2.02 6.59 0.40
CA VAL A 138 -3.33 6.29 0.99
C VAL A 138 -3.13 6.05 2.48
N LEU A 139 -3.95 6.70 3.30
N LEU A 139 -3.94 6.72 3.30
CA LEU A 139 -3.97 6.49 4.74
CA LEU A 139 -3.96 6.48 4.73
C LEU A 139 -5.06 5.50 5.09
C LEU A 139 -5.05 5.46 5.04
N CYS A 140 -4.72 4.47 5.85
CA CYS A 140 -5.64 3.39 6.18
C CYS A 140 -5.73 3.23 7.69
N GLY A 141 -6.94 3.36 8.23
CA GLY A 141 -7.20 3.06 9.62
C GLY A 141 -7.75 1.65 9.76
N ASN A 142 -6.93 0.76 10.32
CA ASN A 142 -7.24 -0.67 10.36
C ASN A 142 -7.98 -1.04 11.64
N LYS A 143 -8.60 -2.23 11.62
CA LYS A 143 -9.23 -2.86 12.77
C LYS A 143 -10.59 -2.22 13.12
N VAL A 144 -11.31 -1.72 12.12
CA VAL A 144 -12.58 -1.03 12.36
C VAL A 144 -13.67 -2.06 12.69
N ASP A 145 -13.32 -3.35 12.65
CA ASP A 145 -14.26 -4.36 13.12
C ASP A 145 -14.43 -4.33 14.63
N ILE A 146 -13.47 -3.77 15.36
CA ILE A 146 -13.56 -3.63 16.81
C ILE A 146 -14.47 -2.44 17.12
N LYS A 147 -15.57 -2.70 17.83
CA LYS A 147 -16.58 -1.66 18.00
C LYS A 147 -16.10 -0.54 18.92
N ASP A 148 -15.18 -0.83 19.84
CA ASP A 148 -14.65 0.19 20.75
C ASP A 148 -13.54 0.95 20.01
N ARG A 149 -13.96 1.84 19.12
CA ARG A 149 -13.06 2.59 18.26
C ARG A 149 -12.61 3.87 18.97
N LYS A 150 -11.29 4.07 19.05
CA LYS A 150 -10.74 5.23 19.74
C LYS A 150 -10.49 6.40 18.79
N VAL A 151 -10.04 6.13 17.57
CA VAL A 151 -9.84 7.16 16.56
C VAL A 151 -11.11 7.17 15.71
N LYS A 152 -12.04 8.06 16.04
CA LYS A 152 -13.34 8.07 15.40
C LYS A 152 -13.26 8.71 14.01
N ALA A 153 -14.18 8.30 13.14
CA ALA A 153 -14.18 8.79 11.77
C ALA A 153 -14.20 10.31 11.72
N LYS A 154 -15.03 10.94 12.58
CA LYS A 154 -15.13 12.39 12.57
C LYS A 154 -13.80 13.06 12.87
N SER A 155 -12.94 12.42 13.68
CA SER A 155 -11.70 13.02 14.11
C SER A 155 -10.57 12.85 13.10
N ILE A 156 -10.77 12.09 12.03
CA ILE A 156 -9.71 11.87 11.05
C ILE A 156 -9.31 13.21 10.45
N VAL A 157 -8.04 13.56 10.57
CA VAL A 157 -7.52 14.81 10.02
C VAL A 157 -7.40 14.66 8.51
N PHE A 158 -8.17 15.46 7.77
CA PHE A 158 -8.21 15.40 6.32
C PHE A 158 -7.47 16.59 5.73
N HIS A 159 -6.88 16.38 4.55
CA HIS A 159 -6.01 17.35 3.92
C HIS A 159 -6.56 17.76 2.56
N ARG A 160 -6.07 18.89 2.07
CA ARG A 160 -6.41 19.39 0.74
C ARG A 160 -5.53 18.77 -0.34
N LYS A 161 -4.70 17.80 0.01
CA LYS A 161 -3.77 17.21 -0.95
C LYS A 161 -4.52 16.29 -1.90
N LYS A 162 -4.26 16.44 -3.20
CA LYS A 162 -4.85 15.55 -4.20
C LYS A 162 -4.20 14.18 -4.21
N ASN A 163 -2.99 14.05 -3.64
CA ASN A 163 -2.27 12.79 -3.62
C ASN A 163 -2.39 12.07 -2.28
N LEU A 164 -3.43 12.38 -1.50
CA LEU A 164 -3.65 11.73 -0.21
C LEU A 164 -5.13 11.39 -0.08
N GLN A 165 -5.39 10.20 0.44
CA GLN A 165 -6.75 9.67 0.56
C GLN A 165 -6.81 8.79 1.80
N TYR A 166 -8.00 8.73 2.42
CA TYR A 166 -8.19 7.92 3.62
C TYR A 166 -9.28 6.87 3.38
N TYR A 167 -9.08 5.70 3.99
CA TYR A 167 -10.08 4.64 4.01
C TYR A 167 -10.03 3.91 5.34
N ASP A 168 -11.21 3.58 5.87
CA ASP A 168 -11.31 2.56 6.90
C ASP A 168 -11.04 1.19 6.27
N ILE A 169 -10.39 0.31 7.02
N ILE A 169 -10.39 0.30 7.04
CA ILE A 169 -10.18 -1.07 6.60
CA ILE A 169 -10.15 -1.07 6.60
C ILE A 169 -10.26 -1.98 7.82
C ILE A 169 -10.24 -1.99 7.81
N SER A 170 -10.60 -3.25 7.55
CA SER A 170 -10.53 -4.31 8.55
C SER A 170 -9.88 -5.49 7.83
N ALA A 171 -8.59 -5.70 8.08
CA ALA A 171 -7.87 -6.76 7.39
C ALA A 171 -8.54 -8.12 7.60
N LYS A 172 -8.95 -8.40 8.84
CA LYS A 172 -9.47 -9.73 9.17
C LYS A 172 -10.85 -9.99 8.58
N SER A 173 -11.55 -8.97 8.10
CA SER A 173 -12.84 -9.15 7.43
C SER A 173 -12.79 -8.81 5.96
N ASN A 174 -11.63 -8.40 5.43
CA ASN A 174 -11.47 -7.98 4.04
C ASN A 174 -12.28 -6.72 3.72
N TYR A 175 -12.74 -6.00 4.75
CA TYR A 175 -13.54 -4.81 4.55
C TYR A 175 -12.71 -3.72 3.87
N ASN A 176 -13.18 -3.25 2.72
CA ASN A 176 -12.53 -2.19 1.94
C ASN A 176 -11.12 -2.57 1.48
N PHE A 177 -10.84 -3.87 1.33
CA PHE A 177 -9.49 -4.28 0.99
C PHE A 177 -9.03 -3.67 -0.33
N GLU A 178 -9.91 -3.63 -1.33
CA GLU A 178 -9.52 -3.17 -2.65
C GLU A 178 -9.47 -1.65 -2.77
N LYS A 179 -10.06 -0.92 -1.82
CA LYS A 179 -10.18 0.53 -1.97
C LYS A 179 -8.84 1.23 -2.11
N PRO A 180 -7.84 0.99 -1.26
CA PRO A 180 -6.57 1.70 -1.42
C PRO A 180 -5.91 1.44 -2.75
N PHE A 181 -5.97 0.20 -3.23
CA PHE A 181 -5.28 -0.16 -4.46
C PHE A 181 -6.00 0.42 -5.68
N LEU A 182 -7.33 0.48 -5.64
CA LEU A 182 -8.06 1.07 -6.76
C LEU A 182 -7.78 2.57 -6.87
N TRP A 183 -7.75 3.27 -5.74
CA TRP A 183 -7.48 4.69 -5.77
C TRP A 183 -6.06 4.97 -6.26
N LEU A 184 -5.08 4.21 -5.76
CA LEU A 184 -3.70 4.38 -6.23
C LEU A 184 -3.59 4.08 -7.72
N ALA A 185 -4.27 3.02 -8.18
CA ALA A 185 -4.21 2.69 -9.60
C ALA A 185 -4.77 3.81 -10.46
N ARG A 186 -5.88 4.41 -10.03
CA ARG A 186 -6.46 5.52 -10.80
C ARG A 186 -5.52 6.71 -10.84
N LYS A 187 -4.84 6.99 -9.72
CA LYS A 187 -3.91 8.12 -9.68
C LYS A 187 -2.67 7.84 -10.51
N LEU A 188 -2.13 6.63 -10.41
CA LEU A 188 -0.90 6.31 -11.14
C LEU A 188 -1.15 6.24 -12.64
N ILE A 189 -2.24 5.59 -13.06
CA ILE A 189 -2.56 5.50 -14.47
C ILE A 189 -3.16 6.81 -15.01
N GLY A 190 -3.70 7.65 -14.15
CA GLY A 190 -4.35 8.87 -14.60
C GLY A 190 -5.71 8.64 -15.22
N ASP A 191 -6.45 7.63 -14.76
CA ASP A 191 -7.75 7.28 -15.31
C ASP A 191 -8.76 7.20 -14.16
N PRO A 192 -9.56 8.25 -13.94
CA PRO A 192 -10.50 8.22 -12.81
C PRO A 192 -11.58 7.15 -12.94
N ASN A 193 -11.82 6.63 -14.14
CA ASN A 193 -12.86 5.64 -14.36
C ASN A 193 -12.31 4.21 -14.38
N LEU A 194 -11.05 4.03 -14.00
CA LEU A 194 -10.49 2.68 -13.93
C LEU A 194 -11.29 1.84 -12.94
N GLU A 195 -11.49 0.57 -13.28
CA GLU A 195 -12.25 -0.35 -12.45
C GLU A 195 -11.52 -1.68 -12.37
N PHE A 196 -11.80 -2.41 -11.29
CA PHE A 196 -11.38 -3.80 -11.16
C PHE A 196 -12.51 -4.69 -11.68
N VAL A 197 -12.21 -5.49 -12.70
CA VAL A 197 -13.25 -6.34 -13.28
C VAL A 197 -13.57 -7.54 -12.40
N ALA A 198 -12.68 -7.89 -11.48
CA ALA A 198 -12.91 -9.00 -10.55
C ALA A 198 -12.07 -8.78 -9.31
N MET A 199 -12.60 -9.23 -8.17
CA MET A 199 -11.84 -9.15 -6.94
C MET A 199 -10.78 -10.25 -6.91
N PRO A 200 -9.59 -9.97 -6.37
CA PRO A 200 -8.60 -11.05 -6.22
C PRO A 200 -9.07 -12.09 -5.22
N ALA A 201 -8.44 -13.26 -5.29
CA ALA A 201 -8.72 -14.31 -4.31
C ALA A 201 -8.20 -13.87 -2.95
N LEU A 202 -9.10 -13.75 -1.98
CA LEU A 202 -8.76 -13.27 -0.66
C LEU A 202 -8.97 -14.36 0.39
N ALA A 203 -8.15 -14.31 1.44
CA ALA A 203 -8.33 -15.24 2.55
C ALA A 203 -9.75 -15.08 3.12
N PRO A 204 -10.40 -16.18 3.51
CA PRO A 204 -11.75 -16.08 4.06
C PRO A 204 -11.79 -15.17 5.27
N PRO A 205 -12.83 -14.36 5.44
CA PRO A 205 -12.90 -13.49 6.62
C PRO A 205 -12.84 -14.28 7.91
N GLU A 206 -12.07 -13.75 8.87
CA GLU A 206 -11.96 -14.33 10.19
C GLU A 206 -12.84 -13.64 11.22
N VAL A 207 -13.32 -12.43 10.93
CA VAL A 207 -14.26 -11.72 11.78
C VAL A 207 -15.33 -11.11 10.88
N VAL A 208 -16.44 -10.69 11.49
CA VAL A 208 -17.54 -10.04 10.80
C VAL A 208 -17.42 -8.55 11.00
N MET A 209 -17.53 -7.80 9.91
CA MET A 209 -17.61 -6.34 9.97
C MET A 209 -19.08 -5.96 10.10
N ASP A 210 -19.44 -5.35 11.21
CA ASP A 210 -20.84 -5.03 11.47
C ASP A 210 -21.38 -4.12 10.38
N PRO A 211 -22.48 -4.48 9.70
CA PRO A 211 -22.95 -3.65 8.58
C PRO A 211 -23.44 -2.28 9.01
N ALA A 212 -24.06 -2.16 10.19
CA ALA A 212 -24.52 -0.86 10.65
C ALA A 212 -23.36 0.08 10.93
N LEU A 213 -22.31 -0.44 11.58
CA LEU A 213 -21.11 0.36 11.79
C LEU A 213 -20.50 0.80 10.46
N ALA A 214 -20.39 -0.15 9.52
CA ALA A 214 -19.83 0.19 8.22
C ALA A 214 -20.60 1.32 7.55
N ALA A 215 -21.93 1.24 7.59
CA ALA A 215 -22.75 2.30 6.99
C ALA A 215 -22.53 3.63 7.69
N GLN A 216 -22.47 3.61 9.03
CA GLN A 216 -22.30 4.85 9.78
C GLN A 216 -20.91 5.43 9.55
N TYR A 217 -19.87 4.59 9.63
CA TYR A 217 -18.52 5.06 9.37
C TYR A 217 -18.39 5.66 7.99
N GLU A 218 -18.95 4.99 6.98
CA GLU A 218 -18.81 5.46 5.60
C GLU A 218 -19.44 6.84 5.43
N HIS A 219 -20.59 7.08 6.07
CA HIS A 219 -21.20 8.40 5.96
C HIS A 219 -20.40 9.45 6.72
N ASP A 220 -19.93 9.10 7.93
CA ASP A 220 -19.13 10.05 8.71
C ASP A 220 -17.91 10.52 7.93
N LEU A 221 -17.29 9.63 7.16
CA LEU A 221 -16.11 10.00 6.39
C LEU A 221 -16.47 10.84 5.17
N GLU A 222 -17.63 10.60 4.57
CA GLU A 222 -18.07 11.42 3.44
C GLU A 222 -18.17 12.88 3.85
N VAL A 223 -18.91 13.18 4.92
CA VAL A 223 -19.13 14.56 5.32
C VAL A 223 -17.83 15.20 5.79
N ALA A 224 -16.96 14.43 6.45
CA ALA A 224 -15.71 14.99 6.95
C ALA A 224 -14.78 15.37 5.80
N GLN A 225 -14.69 14.52 4.77
CA GLN A 225 -13.83 14.83 3.63
C GLN A 225 -14.30 16.07 2.90
N THR A 226 -15.62 16.26 2.80
CA THR A 226 -16.17 17.42 2.12
C THR A 226 -16.42 18.56 3.10
N MET B 6 -8.76 0.68 -24.55
CA MET B 6 -7.32 0.87 -24.69
C MET B 6 -6.57 0.28 -23.49
N GLY B 7 -5.39 -0.27 -23.75
CA GLY B 7 -4.53 -0.75 -22.69
C GLY B 7 -3.83 0.41 -22.02
N PHE B 8 -2.71 0.09 -21.36
CA PHE B 8 -1.91 1.11 -20.70
C PHE B 8 -0.95 1.81 -21.66
N GLU B 9 -0.98 1.46 -22.94
CA GLU B 9 -0.29 2.21 -24.00
C GLU B 9 1.20 2.37 -23.70
N GLY B 10 1.80 1.38 -23.07
CA GLY B 10 3.22 1.42 -22.76
C GLY B 10 3.63 2.67 -22.01
N MET B 11 2.74 3.18 -21.15
CA MET B 11 3.05 4.38 -20.39
C MET B 11 4.15 4.14 -19.36
N PHE B 12 4.23 2.91 -18.84
CA PHE B 12 5.20 2.56 -17.80
C PHE B 12 6.11 1.42 -18.25
N THR B 13 6.36 1.33 -19.55
CA THR B 13 7.20 0.25 -20.07
C THR B 13 8.65 0.45 -19.66
N LYS B 14 9.38 -0.66 -19.61
CA LYS B 14 10.80 -0.62 -19.27
C LYS B 14 11.57 0.13 -20.34
N LYS B 15 12.39 1.09 -19.91
CA LYS B 15 13.22 1.83 -20.85
C LYS B 15 14.38 0.96 -21.34
N GLU B 16 15.07 1.46 -22.37
CA GLU B 16 16.11 0.68 -23.01
C GLU B 16 17.24 0.38 -22.02
N GLY B 17 17.51 -0.92 -21.83
CA GLY B 17 18.61 -1.36 -20.99
C GLY B 17 18.26 -1.61 -19.55
N GLN B 18 17.09 -1.19 -19.09
CA GLN B 18 16.72 -1.40 -17.70
C GLN B 18 16.45 -2.88 -17.43
N TRP B 19 16.60 -3.26 -16.16
CA TRP B 19 16.40 -4.65 -15.75
C TRP B 19 15.77 -4.66 -14.36
N ASP B 20 14.88 -5.63 -14.14
CA ASP B 20 14.17 -5.76 -12.87
C ASP B 20 14.92 -6.74 -11.96
N CYS B 21 15.18 -6.30 -10.73
CA CYS B 21 15.88 -7.14 -9.78
C CYS B 21 15.07 -8.39 -9.45
N SER B 22 15.72 -9.55 -9.55
CA SER B 22 15.04 -10.80 -9.27
C SER B 22 14.82 -11.04 -7.78
N VAL B 23 15.43 -10.23 -6.92
CA VAL B 23 15.30 -10.41 -5.48
C VAL B 23 14.19 -9.54 -4.92
N CYS B 24 14.15 -8.26 -5.29
CA CYS B 24 13.19 -7.32 -4.73
C CYS B 24 12.30 -6.64 -5.76
N LEU B 25 12.50 -6.91 -7.05
CA LEU B 25 11.65 -6.44 -8.14
C LEU B 25 11.80 -4.96 -8.45
N VAL B 26 12.80 -4.29 -7.87
CA VAL B 26 13.06 -2.89 -8.21
C VAL B 26 13.70 -2.80 -9.59
N ARG B 27 13.33 -1.76 -10.33
CA ARG B 27 13.82 -1.57 -11.69
C ARG B 27 15.12 -0.79 -11.67
N ASN B 28 16.13 -1.30 -12.38
CA ASN B 28 17.47 -0.75 -12.35
C ASN B 28 17.93 -0.31 -13.73
N GLU B 29 18.96 0.53 -13.74
CA GLU B 29 19.53 1.02 -14.99
C GLU B 29 20.56 0.03 -15.52
N ALA B 30 20.84 0.15 -16.83
CA ALA B 30 21.71 -0.81 -17.50
C ALA B 30 23.10 -0.86 -16.88
N SER B 31 23.62 0.30 -16.47
CA SER B 31 24.98 0.37 -15.94
C SER B 31 25.08 -0.10 -14.50
N ALA B 32 23.96 -0.30 -13.82
CA ALA B 32 23.99 -0.76 -12.43
C ALA B 32 24.35 -2.24 -12.40
N THR B 33 25.47 -2.56 -11.73
CA THR B 33 25.88 -3.95 -11.57
C THR B 33 25.18 -4.63 -10.41
N LYS B 34 24.65 -3.87 -9.46
CA LYS B 34 23.88 -4.42 -8.35
C LYS B 34 22.67 -3.56 -8.12
N CYS B 35 21.62 -4.17 -7.54
CA CYS B 35 20.36 -3.47 -7.36
C CYS B 35 20.52 -2.26 -6.46
N ILE B 36 19.98 -1.13 -6.91
CA ILE B 36 20.09 0.12 -6.17
C ILE B 36 19.42 0.03 -4.80
N ALA B 37 18.48 -0.90 -4.62
CA ALA B 37 17.74 -1.03 -3.37
C ALA B 37 18.34 -2.10 -2.46
N CYS B 38 18.42 -3.34 -2.93
CA CYS B 38 18.83 -4.46 -2.08
C CYS B 38 20.29 -4.86 -2.28
N GLN B 39 20.98 -4.27 -3.25
CA GLN B 39 22.41 -4.47 -3.49
C GLN B 39 22.75 -5.85 -4.04
N CYS B 40 21.77 -6.64 -4.44
CA CYS B 40 22.09 -7.96 -4.96
C CYS B 40 22.62 -7.86 -6.39
N PRO B 41 23.66 -8.63 -6.74
CA PRO B 41 24.24 -8.50 -8.09
C PRO B 41 23.22 -8.78 -9.19
N SER B 42 23.42 -8.11 -10.32
CA SER B 42 22.53 -8.29 -11.46
C SER B 42 22.57 -9.72 -11.97
N LYS B 43 21.40 -10.34 -12.02
CA LYS B 43 21.22 -11.63 -12.68
C LYS B 43 22.08 -11.77 -13.94
PB GDP C . 2.07 -5.35 11.92
O1B GDP C . 3.14 -5.30 13.00
O2B GDP C . 2.55 -6.18 10.74
O3B GDP C . 1.74 -3.94 11.46
O3A GDP C . 0.70 -5.99 12.51
PA GDP C . 0.28 -7.57 12.41
O1A GDP C . 1.45 -8.46 12.81
O2A GDP C . -0.21 -7.92 11.02
O5' GDP C . -0.97 -7.79 13.50
C5' GDP C . -0.69 -7.43 14.83
C4' GDP C . -1.95 -7.85 15.70
O4' GDP C . -3.17 -7.04 15.17
C3' GDP C . -2.20 -9.07 15.52
O3' GDP C . -2.62 -9.70 16.80
C2' GDP C . -3.47 -9.12 14.43
O2' GDP C . -4.20 -10.37 14.58
C1' GDP C . -4.20 -8.12 14.81
N9 GDP C . -5.21 -7.61 13.82
C8 GDP C . -4.57 -7.27 12.66
N7 GDP C . -5.51 -6.81 11.79
C5 GDP C . -6.70 -6.85 12.42
C6 GDP C . -8.11 -6.47 11.99
O6 GDP C . -8.33 -6.04 10.88
N1 GDP C . -9.20 -6.63 12.89
C2 GDP C . -8.96 -7.14 14.22
N2 GDP C . -10.06 -7.32 15.18
N3 GDP C . -7.60 -7.52 14.62
C4 GDP C . -6.49 -7.34 13.67
H5' GDP C . -0.55 -6.48 14.89
H5'' GDP C . 0.10 -7.91 15.15
H4' GDP C . -1.81 -7.69 16.65
H3' GDP C . -1.43 -9.51 15.15
HO3' GDP C . -2.07 -10.31 17.00
H2' GDP C . -3.18 -9.02 13.52
HO2' GDP C . -4.05 -10.86 13.91
H1' GDP C . -4.72 -8.44 15.57
H8 GDP C . -3.67 -7.35 12.48
HN1 GDP C . -9.99 -6.42 12.66
HN21 GDP C . -9.90 -7.63 15.97
HN22 GDP C . -10.86 -7.11 14.95
MG MG D . 4.31 -7.09 10.19
ZN ZN E . 16.81 -5.59 -5.51
#